data_4EFZ
#
_entry.id   4EFZ
#
_cell.length_a   79.320
_cell.length_b   83.500
_cell.length_c   96.440
_cell.angle_alpha   90.000
_cell.angle_beta   90.000
_cell.angle_gamma   90.000
#
_symmetry.space_group_name_H-M   'P 21 21 21'
#
loop_
_entity.id
_entity.type
_entity.pdbx_description
1 polymer 'Metallo-beta-lactamase family protein'
2 non-polymer 'CALCIUM ION'
3 non-polymer 'CHLORIDE ION'
4 non-polymer 1,2-ETHANEDIOL
5 non-polymer GLYCEROL
6 non-polymer 'SULFATE ION'
7 water water
#
_entity_poly.entity_id   1
_entity_poly.type   'polypeptide(L)'
_entity_poly.pdbx_seq_one_letter_code
;GPGSMTVEGFFDPATCTISYLLFDSGSGECALIDSVLDYDPKSGRTRTASADQLIARVAALGARVRWLLETHVHADHLSA
APYLKTRVGGEIAIGRHVTRVQDVFGKLFNAGPAFAHDGSQFDRLLDDGDTLALGALSIRAMHTPGHTPACMTYVVTEAH
AAHDARDAAAFVGDTLFMPDYGTARCDFPGGDARSLYRSIRKVLSLPPATRLYMCHDYQPNGRAIQYASTVADELRENVH
IREGVTEDDFVAMRTARDATLDMPVLMLPSVQVNMRAGRLPEPEDNGVRYLKIPLDAI
;
_entity_poly.pdbx_strand_id   A,B
#
# COMPACT_ATOMS: atom_id res chain seq x y z
N GLY A 1 36.89 -5.63 -2.74
CA GLY A 1 37.12 -4.69 -1.66
C GLY A 1 36.45 -3.34 -1.88
N PRO A 2 36.64 -2.42 -0.90
CA PRO A 2 35.97 -1.12 -0.81
C PRO A 2 36.35 -0.13 -1.90
N GLY A 3 35.40 0.69 -2.31
CA GLY A 3 35.69 1.83 -3.17
C GLY A 3 36.66 2.77 -2.49
N SER A 4 37.10 3.77 -3.24
CA SER A 4 38.01 4.79 -2.74
C SER A 4 37.25 5.81 -1.89
N MET A 5 35.93 5.70 -1.93
CA MET A 5 35.06 6.69 -1.28
C MET A 5 35.35 6.89 0.20
N THR A 6 35.11 8.11 0.66
CA THR A 6 35.21 8.46 2.07
C THR A 6 33.82 8.78 2.58
N VAL A 7 33.40 8.14 3.69
CA VAL A 7 32.13 8.42 4.32
C VAL A 7 32.36 8.79 5.76
N GLU A 8 31.84 9.94 6.15
CA GLU A 8 31.91 10.38 7.56
C GLU A 8 30.52 10.65 8.07
N GLY A 9 30.19 10.06 9.23
CA GLY A 9 28.89 10.29 9.83
C GLY A 9 28.96 11.25 11.00
N PHE A 10 27.88 12.00 11.15
CA PHE A 10 27.76 13.06 12.17
C PHE A 10 26.51 12.75 12.97
N PHE A 11 26.71 12.37 14.23
CA PHE A 11 25.56 11.94 15.07
C PHE A 11 25.00 13.12 15.89
N ASP A 12 23.67 13.32 15.84
CA ASP A 12 23.05 14.40 16.61
C ASP A 12 22.44 13.82 17.86
N PRO A 13 22.93 14.20 19.05
CA PRO A 13 22.37 13.56 20.26
C PRO A 13 20.88 13.87 20.50
N ALA A 14 20.41 15.04 20.10
CA ALA A 14 19.02 15.39 20.39
C ALA A 14 18.00 14.53 19.63
N THR A 15 18.31 14.17 18.38
CA THR A 15 17.31 13.47 17.56
C THR A 15 17.77 12.05 17.20
N CYS A 16 19.02 11.76 17.51
CA CYS A 16 19.70 10.47 17.19
C CYS A 16 19.90 10.25 15.70
N THR A 17 19.76 11.33 14.94
CA THR A 17 20.00 11.33 13.48
C THR A 17 21.47 11.24 13.15
N ILE A 18 21.80 10.44 12.12
CA ILE A 18 23.14 10.47 11.59
C ILE A 18 23.12 11.11 10.20
N SER A 19 23.83 12.24 10.08
CA SER A 19 23.95 12.97 8.79
C SER A 19 25.28 12.51 8.22
N TYR A 20 25.42 12.51 6.87
CA TYR A 20 26.65 11.99 6.29
C TYR A 20 27.28 12.96 5.30
N LEU A 21 28.59 12.88 5.28
CA LEU A 21 29.44 13.49 4.23
C LEU A 21 30.03 12.36 3.41
N LEU A 22 29.72 12.39 2.11
CA LEU A 22 30.26 11.41 1.15
C LEU A 22 31.24 12.15 0.29
N PHE A 23 32.48 11.68 0.21
CA PHE A 23 33.56 12.46 -0.44
C PHE A 23 34.34 11.59 -1.40
N ASP A 24 34.54 12.10 -2.63
CA ASP A 24 35.43 11.46 -3.62
C ASP A 24 36.77 12.23 -3.58
N SER A 25 37.77 11.69 -2.90
CA SER A 25 38.96 12.50 -2.63
C SER A 25 39.72 12.81 -3.92
N GLY A 26 39.53 11.99 -4.94
CA GLY A 26 40.22 12.16 -6.20
C GLY A 26 39.79 13.39 -6.97
N SER A 27 38.52 13.76 -6.82
CA SER A 27 37.93 14.86 -7.58
C SER A 27 37.61 16.02 -6.66
N GLY A 28 37.53 15.71 -5.36
CA GLY A 28 37.04 16.60 -4.33
C GLY A 28 35.55 16.82 -4.29
N GLU A 29 34.79 16.09 -5.10
CA GLU A 29 33.32 16.23 -5.08
C GLU A 29 32.68 15.54 -3.89
N CYS A 30 31.62 16.16 -3.37
CA CYS A 30 31.01 15.74 -2.12
C CYS A 30 29.49 15.76 -2.17
N ALA A 31 28.86 14.85 -1.43
CA ALA A 31 27.43 14.96 -1.16
C ALA A 31 27.20 15.01 0.34
N LEU A 32 26.15 15.73 0.74
CA LEU A 32 25.74 15.76 2.16
C LEU A 32 24.38 15.07 2.22
N ILE A 33 24.18 14.21 3.20
CA ILE A 33 22.96 13.41 3.23
C ILE A 33 22.29 13.60 4.60
N ASP A 34 21.00 13.93 4.57
CA ASP A 34 20.16 13.91 5.81
C ASP A 34 20.65 14.85 6.90
N SER A 35 20.84 16.11 6.51
CA SER A 35 21.29 17.17 7.45
C SER A 35 20.23 17.59 8.44
N VAL A 36 20.70 18.17 9.55
CA VAL A 36 19.79 18.57 10.66
C VAL A 36 19.95 20.04 10.93
N LEU A 37 18.82 20.75 10.93
CA LEU A 37 18.74 22.11 11.48
C LEU A 37 18.30 21.91 12.94
N ASP A 38 19.09 22.40 13.91
CA ASP A 38 18.76 22.13 15.31
C ASP A 38 17.54 22.93 15.72
N TYR A 39 16.63 22.28 16.43
CA TYR A 39 15.35 22.92 16.72
C TYR A 39 14.92 22.58 18.11
N ASP A 40 14.61 23.59 18.92
CA ASP A 40 14.10 23.35 20.27
C ASP A 40 12.59 23.57 20.24
N PRO A 41 11.82 22.47 20.38
CA PRO A 41 10.37 22.64 20.26
C PRO A 41 9.75 23.43 21.40
N LYS A 42 10.44 23.54 22.54
CA LYS A 42 9.87 24.20 23.70
C LYS A 42 9.87 25.71 23.50
N SER A 43 10.87 26.20 22.78
CA SER A 43 11.01 27.67 22.63
C SER A 43 10.83 28.17 21.19
N GLY A 44 10.77 27.28 20.20
CA GLY A 44 10.67 27.71 18.81
C GLY A 44 12.00 28.19 18.26
N ARG A 45 13.09 27.99 18.99
CA ARG A 45 14.41 28.44 18.52
C ARG A 45 15.11 27.46 17.62
N THR A 46 15.71 28.02 16.57
CA THR A 46 16.56 27.20 15.69
C THR A 46 18.02 27.56 15.91
N ARG A 47 18.89 26.57 15.64
CA ARG A 47 20.35 26.79 15.68
C ARG A 47 20.94 26.05 14.53
N THR A 48 22.16 26.45 14.16
CA THR A 48 22.84 25.88 13.00
C THR A 48 24.10 25.10 13.35
N ALA A 49 24.24 24.69 14.60
CA ALA A 49 25.47 24.05 15.05
C ALA A 49 25.76 22.75 14.28
N SER A 50 24.73 21.93 14.10
CA SER A 50 24.91 20.66 13.37
C SER A 50 25.31 20.91 11.95
N ALA A 51 24.57 21.79 11.29
CA ALA A 51 24.88 22.09 9.87
C ALA A 51 26.27 22.72 9.74
N ASP A 52 26.64 23.55 10.71
CA ASP A 52 27.94 24.22 10.64
C ASP A 52 29.10 23.21 10.75
N GLN A 53 28.88 22.10 11.43
CA GLN A 53 29.93 21.07 11.48
C GLN A 53 30.16 20.47 10.13
N LEU A 54 29.07 20.22 9.37
CA LEU A 54 29.22 19.70 7.99
C LEU A 54 29.98 20.71 7.11
N ILE A 55 29.57 22.00 7.22
CA ILE A 55 30.23 23.07 6.46
C ILE A 55 31.72 23.12 6.77
N ALA A 56 32.08 23.05 8.06
CA ALA A 56 33.48 23.16 8.44
C ALA A 56 34.30 21.94 7.94
N ARG A 57 33.67 20.78 7.90
CA ARG A 57 34.44 19.62 7.44
C ARG A 57 34.61 19.67 5.92
N VAL A 58 33.59 20.10 5.21
CA VAL A 58 33.70 20.31 3.76
C VAL A 58 34.83 21.28 3.47
N ALA A 59 34.92 22.37 4.21
CA ALA A 59 35.95 23.33 3.93
C ALA A 59 37.34 22.80 4.26
N ALA A 60 37.46 22.07 5.36
CA ALA A 60 38.76 21.48 5.74
C ALA A 60 39.25 20.47 4.70
N LEU A 61 38.32 19.78 4.05
CA LEU A 61 38.69 18.78 3.04
C LEU A 61 38.95 19.39 1.68
N GLY A 62 38.58 20.65 1.47
CA GLY A 62 38.72 21.24 0.15
C GLY A 62 37.67 20.73 -0.83
N ALA A 63 36.55 20.28 -0.28
CA ALA A 63 35.53 19.54 -1.02
C ALA A 63 34.56 20.53 -1.67
N ARG A 64 33.88 20.07 -2.70
CA ARG A 64 32.82 20.89 -3.26
C ARG A 64 31.55 20.09 -3.25
N VAL A 65 30.53 20.64 -2.60
CA VAL A 65 29.25 19.92 -2.45
C VAL A 65 28.45 19.99 -3.75
N ARG A 66 28.12 18.82 -4.30
CA ARG A 66 27.28 18.79 -5.50
C ARG A 66 25.85 18.36 -5.22
N TRP A 67 25.62 17.59 -4.15
CA TRP A 67 24.31 17.03 -3.87
C TRP A 67 23.98 17.20 -2.40
N LEU A 68 22.73 17.60 -2.13
CA LEU A 68 22.17 17.63 -0.78
C LEU A 68 20.98 16.66 -0.86
N LEU A 69 21.22 15.45 -0.33
CA LEU A 69 20.27 14.33 -0.54
C LEU A 69 19.47 14.09 0.72
N GLU A 70 18.18 13.85 0.53
CA GLU A 70 17.31 13.37 1.60
C GLU A 70 16.96 11.97 1.28
N THR A 71 17.09 11.08 2.26
CA THR A 71 16.59 9.69 2.05
C THR A 71 15.07 9.66 2.07
N HIS A 72 14.44 10.57 2.78
CA HIS A 72 12.97 10.56 2.86
C HIS A 72 12.52 11.87 3.48
N VAL A 73 11.20 12.08 3.62
CA VAL A 73 10.68 13.25 4.32
C VAL A 73 10.72 12.90 5.82
N HIS A 74 11.65 13.52 6.55
CA HIS A 74 11.91 13.09 7.93
C HIS A 74 10.87 13.61 8.90
N ALA A 75 10.49 12.75 9.86
CA ALA A 75 9.53 13.14 10.90
C ALA A 75 10.21 13.39 12.22
N ASP A 76 11.52 13.24 12.29
CA ASP A 76 12.16 13.32 13.60
C ASP A 76 13.13 14.48 13.74
N HIS A 77 13.43 15.17 12.64
CA HIS A 77 14.27 16.36 12.72
C HIS A 77 13.93 17.24 11.55
N LEU A 78 14.25 18.52 11.66
CA LEU A 78 14.15 19.44 10.52
C LEU A 78 15.40 19.34 9.68
N SER A 79 15.22 19.30 8.36
CA SER A 79 16.38 19.34 7.48
C SER A 79 17.03 20.71 7.45
N ALA A 80 18.35 20.74 7.20
CA ALA A 80 19.06 22.00 7.02
C ALA A 80 19.44 22.21 5.57
N ALA A 81 18.77 21.48 4.66
CA ALA A 81 19.24 21.56 3.27
C ALA A 81 19.29 22.97 2.64
N PRO A 82 18.28 23.84 2.82
CA PRO A 82 18.42 25.17 2.22
C PRO A 82 19.55 26.01 2.82
N TYR A 83 19.71 25.92 4.14
CA TYR A 83 20.79 26.67 4.81
C TYR A 83 22.12 26.21 4.22
N LEU A 84 22.26 24.90 4.04
CA LEU A 84 23.48 24.34 3.41
C LEU A 84 23.62 24.78 1.98
N LYS A 85 22.54 24.67 1.16
CA LYS A 85 22.66 25.07 -0.24
C LYS A 85 23.27 26.46 -0.46
N THR A 86 22.79 27.42 0.33
CA THR A 86 23.29 28.79 0.27
C THR A 86 24.78 28.87 0.56
N ARG A 87 25.25 27.99 1.48
CA ARG A 87 26.63 28.20 2.00
C ARG A 87 27.69 27.24 1.42
N VAL A 88 27.25 26.09 0.87
CA VAL A 88 28.21 25.17 0.19
C VAL A 88 27.84 24.82 -1.23
N GLY A 89 26.65 25.22 -1.66
CA GLY A 89 26.21 24.87 -3.02
C GLY A 89 25.53 23.52 -3.06
N GLY A 90 25.27 23.09 -4.31
CA GLY A 90 24.70 21.76 -4.51
C GLY A 90 23.24 21.79 -4.84
N GLU A 91 22.73 20.66 -5.33
CA GLU A 91 21.29 20.52 -5.62
C GLU A 91 20.57 19.67 -4.58
N ILE A 92 19.40 20.11 -4.13
CA ILE A 92 18.66 19.36 -3.10
C ILE A 92 17.82 18.33 -3.84
N ALA A 93 17.95 17.04 -3.47
CA ALA A 93 17.25 15.94 -4.19
C ALA A 93 16.55 15.04 -3.20
N ILE A 94 15.40 14.46 -3.63
CA ILE A 94 14.60 13.57 -2.80
C ILE A 94 13.81 12.68 -3.79
N GLY A 95 13.30 11.54 -3.32
CA GLY A 95 12.47 10.73 -4.20
C GLY A 95 11.20 11.42 -4.66
N ARG A 96 10.82 11.17 -5.91
CA ARG A 96 9.73 11.87 -6.57
C ARG A 96 8.41 11.70 -5.81
N HIS A 97 8.25 10.61 -5.05
CA HIS A 97 6.96 10.45 -4.34
C HIS A 97 6.79 11.39 -3.16
N VAL A 98 7.78 12.27 -2.94
CA VAL A 98 7.55 13.38 -2.02
C VAL A 98 6.25 14.09 -2.38
N THR A 99 5.83 14.03 -3.63
CA THR A 99 4.63 14.79 -4.02
C THR A 99 3.40 14.24 -3.31
N ARG A 100 3.42 12.94 -3.05
CA ARG A 100 2.32 12.30 -2.32
C ARG A 100 2.29 12.79 -0.89
N VAL A 101 3.46 12.93 -0.31
CA VAL A 101 3.61 13.42 1.07
C VAL A 101 3.10 14.87 1.13
N GLN A 102 3.47 15.68 0.12
CA GLN A 102 2.95 17.05 0.03
C GLN A 102 1.43 17.12 -0.07
N ASP A 103 0.80 16.24 -0.84
CA ASP A 103 -0.64 16.25 -0.90
C ASP A 103 -1.27 16.04 0.50
N VAL A 104 -0.79 15.03 1.23
CA VAL A 104 -1.36 14.66 2.54
C VAL A 104 -1.13 15.74 3.58
N PHE A 105 0.10 16.23 3.62
CA PHE A 105 0.47 17.15 4.71
C PHE A 105 0.19 18.62 4.40
N GLY A 106 0.16 18.99 3.12
CA GLY A 106 -0.44 20.26 2.72
C GLY A 106 -1.84 20.40 3.27
N LYS A 107 -2.61 19.33 3.21
CA LYS A 107 -3.96 19.33 3.77
C LYS A 107 -3.92 19.39 5.31
N LEU A 108 -3.10 18.56 5.94
CA LEU A 108 -3.06 18.50 7.41
C LEU A 108 -2.72 19.87 8.01
N PHE A 109 -1.77 20.55 7.38
CA PHE A 109 -1.32 21.85 7.90
C PHE A 109 -2.08 23.04 7.33
N ASN A 110 -3.04 22.77 6.44
CA ASN A 110 -3.85 23.79 5.79
C ASN A 110 -2.91 24.84 5.13
N ALA A 111 -1.93 24.36 4.38
CA ALA A 111 -0.88 25.24 3.85
C ALA A 111 -1.38 26.14 2.73
N GLY A 112 -2.46 25.75 2.09
CA GLY A 112 -3.08 26.57 1.07
C GLY A 112 -2.32 26.44 -0.25
N PRO A 113 -2.76 27.20 -1.26
CA PRO A 113 -2.25 27.18 -2.63
C PRO A 113 -0.82 27.69 -2.83
N ALA A 114 -0.33 28.54 -1.94
CA ALA A 114 1.06 28.99 -2.01
C ALA A 114 2.04 27.84 -1.80
N PHE A 115 1.56 26.71 -1.31
CA PHE A 115 2.44 25.58 -1.08
C PHE A 115 2.19 24.61 -2.22
N ALA A 116 3.22 24.43 -3.05
CA ALA A 116 3.08 23.57 -4.23
C ALA A 116 3.17 22.10 -3.85
N HIS A 117 2.38 21.24 -4.50
CA HIS A 117 2.47 19.81 -4.22
C HIS A 117 3.10 19.06 -5.39
N ASP A 118 3.97 19.73 -6.13
CA ASP A 118 4.63 19.12 -7.29
C ASP A 118 6.14 18.94 -7.06
N GLY A 119 6.60 19.06 -5.82
CA GLY A 119 8.01 18.85 -5.52
C GLY A 119 8.93 19.96 -6.03
N SER A 120 8.37 21.08 -6.44
CA SER A 120 9.19 22.14 -7.08
C SER A 120 10.11 22.87 -6.09
N GLN A 121 9.92 22.64 -4.80
CA GLN A 121 10.80 23.21 -3.78
C GLN A 121 12.16 22.52 -3.77
N PHE A 122 12.22 21.32 -4.35
CA PHE A 122 13.44 20.53 -4.45
C PHE A 122 14.08 20.80 -5.81
N ASP A 123 15.40 20.68 -5.91
CA ASP A 123 16.02 20.86 -7.21
C ASP A 123 15.89 19.64 -8.12
N ARG A 124 15.87 18.44 -7.52
CA ARG A 124 15.78 17.20 -8.30
CA ARG A 124 15.78 17.24 -8.31
C ARG A 124 14.87 16.23 -7.60
N LEU A 125 13.93 15.66 -8.35
CA LEU A 125 13.06 14.56 -7.91
C LEU A 125 13.58 13.26 -8.57
N LEU A 126 13.77 12.22 -7.75
CA LEU A 126 14.52 11.05 -8.20
C LEU A 126 13.57 9.88 -8.38
N ASP A 127 13.77 9.15 -9.47
CA ASP A 127 13.05 7.93 -9.73
C ASP A 127 13.96 6.73 -9.50
N ASP A 128 13.36 5.58 -9.23
CA ASP A 128 14.13 4.36 -9.10
C ASP A 128 15.08 4.14 -10.30
N GLY A 129 16.35 3.97 -9.96
CA GLY A 129 17.33 3.67 -10.98
C GLY A 129 18.12 4.87 -11.43
N ASP A 130 17.71 6.07 -11.06
CA ASP A 130 18.42 7.28 -11.47
C ASP A 130 19.83 7.23 -10.91
N THR A 131 20.81 7.72 -11.68
CA THR A 131 22.15 7.83 -11.14
C THR A 131 22.57 9.30 -11.07
N LEU A 132 23.35 9.62 -10.04
CA LEU A 132 23.87 10.96 -9.85
C LEU A 132 25.40 10.83 -9.87
N ALA A 133 26.06 11.64 -10.70
CA ALA A 133 27.53 11.60 -10.78
C ALA A 133 28.17 12.29 -9.58
N LEU A 134 29.28 11.75 -9.06
CA LEU A 134 30.01 12.46 -7.98
C LEU A 134 31.49 12.17 -8.22
N GLY A 135 32.14 12.96 -9.07
CA GLY A 135 33.51 12.63 -9.44
C GLY A 135 33.69 11.20 -9.98
N ALA A 136 34.60 10.44 -9.35
CA ALA A 136 34.87 9.06 -9.79
C ALA A 136 33.79 8.10 -9.27
N LEU A 137 32.88 8.64 -8.48
CA LEU A 137 31.80 7.82 -7.87
C LEU A 137 30.47 8.01 -8.59
N SER A 138 29.58 7.03 -8.41
CA SER A 138 28.25 7.11 -8.97
C SER A 138 27.25 6.72 -7.90
N ILE A 139 26.17 7.49 -7.78
CA ILE A 139 25.16 7.27 -6.73
C ILE A 139 23.87 6.80 -7.42
N ARG A 140 23.38 5.60 -7.07
CA ARG A 140 22.18 5.06 -7.74
C ARG A 140 21.04 5.17 -6.74
N ALA A 141 19.94 5.77 -7.17
CA ALA A 141 18.78 5.94 -6.27
C ALA A 141 17.88 4.73 -6.40
N MET A 142 17.78 3.95 -5.33
CA MET A 142 16.94 2.78 -5.33
C MET A 142 15.70 3.09 -4.50
N HIS A 143 14.51 2.89 -5.08
CA HIS A 143 13.31 3.27 -4.34
C HIS A 143 13.01 2.15 -3.30
N THR A 144 12.91 2.55 -2.01
CA THR A 144 12.75 1.56 -0.97
C THR A 144 11.66 1.98 0.00
N PRO A 145 10.42 2.02 -0.50
CA PRO A 145 9.35 2.54 0.36
C PRO A 145 8.96 1.59 1.47
N GLY A 146 8.23 2.13 2.45
CA GLY A 146 7.72 1.29 3.53
C GLY A 146 7.60 2.12 4.79
N HIS A 147 8.68 2.75 5.20
CA HIS A 147 8.65 3.64 6.34
C HIS A 147 7.83 4.85 5.86
N THR A 148 8.06 5.28 4.61
CA THR A 148 7.26 6.33 3.97
C THR A 148 7.09 6.01 2.49
N PRO A 149 6.19 6.70 1.78
CA PRO A 149 6.06 6.34 0.36
C PRO A 149 7.23 6.76 -0.51
N ALA A 150 8.08 7.65 -0.02
CA ALA A 150 9.08 8.32 -0.84
C ALA A 150 10.49 7.80 -0.64
N CYS A 151 10.72 6.93 0.36
CA CYS A 151 12.10 6.58 0.80
C CYS A 151 12.98 6.10 -0.36
N MET A 152 14.21 6.62 -0.42
CA MET A 152 15.21 6.13 -1.35
C MET A 152 16.41 5.62 -0.57
N THR A 153 17.05 4.59 -1.11
CA THR A 153 18.36 4.11 -0.62
C THR A 153 19.37 4.53 -1.67
N TYR A 154 20.42 5.24 -1.25
CA TYR A 154 21.45 5.71 -2.21
C TYR A 154 22.63 4.76 -2.20
N VAL A 155 22.86 4.09 -3.34
CA VAL A 155 23.88 3.05 -3.45
C VAL A 155 25.07 3.64 -4.18
N VAL A 156 26.23 3.70 -3.52
CA VAL A 156 27.43 4.37 -4.11
C VAL A 156 28.48 3.40 -4.50
N THR A 157 28.99 3.55 -5.73
CA THR A 157 30.05 2.67 -6.25
C THR A 157 31.02 3.55 -7.02
N GLU A 158 32.21 3.03 -7.30
CA GLU A 158 33.11 3.72 -8.22
C GLU A 158 32.53 3.58 -9.60
N ALA A 159 32.48 4.69 -10.34
CA ALA A 159 31.90 4.68 -11.68
C ALA A 159 32.62 3.67 -12.57
N HIS A 160 33.96 3.69 -12.55
CA HIS A 160 34.77 2.74 -13.33
C HIS A 160 35.81 2.07 -12.43
N ALA A 161 35.44 0.96 -11.80
CA ALA A 161 36.24 0.43 -10.70
C ALA A 161 37.20 -0.67 -11.12
N ALA A 162 38.44 -0.62 -10.59
CA ALA A 162 39.35 -1.77 -10.66
C ALA A 162 38.75 -2.98 -9.92
N HIS A 163 39.30 -4.15 -10.19
CA HIS A 163 38.77 -5.43 -9.69
C HIS A 163 38.53 -5.46 -8.18
N ASP A 164 39.50 -4.91 -7.43
CA ASP A 164 39.50 -4.99 -5.97
C ASP A 164 38.82 -3.80 -5.32
N ALA A 165 38.27 -2.90 -6.14
CA ALA A 165 37.63 -1.69 -5.61
C ALA A 165 36.14 -1.62 -5.95
N ARG A 166 35.50 -2.80 -6.03
CA ARG A 166 34.11 -2.91 -6.46
C ARG A 166 33.04 -2.79 -5.34
N ASP A 167 33.39 -2.93 -4.07
CA ASP A 167 32.35 -2.87 -3.00
C ASP A 167 31.60 -1.54 -2.88
N ALA A 168 30.30 -1.65 -2.61
CA ALA A 168 29.41 -0.51 -2.56
C ALA A 168 29.14 -0.07 -1.13
N ALA A 169 28.71 1.17 -0.97
CA ALA A 169 28.17 1.64 0.30
C ALA A 169 26.73 2.03 0.00
N ALA A 170 25.79 1.71 0.88
CA ALA A 170 24.43 2.22 0.67
C ALA A 170 23.91 2.98 1.87
N PHE A 171 23.32 4.14 1.62
CA PHE A 171 22.69 4.96 2.69
C PHE A 171 21.25 4.55 2.66
N VAL A 172 20.84 3.83 3.70
CA VAL A 172 19.54 3.12 3.68
C VAL A 172 18.39 3.94 4.29
N GLY A 173 18.66 5.12 4.82
CA GLY A 173 17.59 5.90 5.44
C GLY A 173 17.07 5.10 6.62
N ASP A 174 15.76 5.16 6.84
CA ASP A 174 15.14 4.46 7.96
C ASP A 174 14.37 3.24 7.46
N THR A 175 15.10 2.33 6.91
CA THR A 175 14.46 1.10 6.48
C THR A 175 14.95 0.09 7.53
N LEU A 176 16.27 -0.18 7.46
CA LEU A 176 16.90 -1.14 8.34
C LEU A 176 17.53 -0.29 9.39
N PHE A 177 17.57 -0.83 10.60
CA PHE A 177 18.44 -0.31 11.64
C PHE A 177 19.56 -1.32 11.82
N MET A 178 20.44 -1.10 12.80
CA MET A 178 21.43 -2.12 13.10
C MET A 178 20.74 -3.44 13.46
N PRO A 179 21.43 -4.57 13.24
CA PRO A 179 20.76 -5.87 13.43
C PRO A 179 20.06 -6.04 14.79
N ASP A 180 20.68 -5.64 15.90
CA ASP A 180 20.06 -5.86 17.21
C ASP A 180 18.85 -4.97 17.47
N TYR A 181 18.64 -3.98 16.61
CA TYR A 181 17.52 -3.04 16.78
C TYR A 181 16.38 -3.26 15.79
N GLY A 182 16.63 -3.95 14.69
CA GLY A 182 15.53 -4.30 13.80
C GLY A 182 15.23 -3.38 12.63
N THR A 183 14.01 -2.85 12.61
CA THR A 183 13.50 -2.05 11.50
C THR A 183 12.72 -0.85 12.04
N ALA A 184 12.42 0.06 11.12
CA ALA A 184 11.70 1.28 11.45
C ALA A 184 10.17 1.10 11.40
N ARG A 185 9.46 1.99 12.09
CA ARG A 185 7.99 2.01 12.12
C ARG A 185 7.39 2.32 10.74
N CYS A 186 6.16 1.89 10.54
CA CYS A 186 5.51 1.97 9.24
C CYS A 186 4.14 2.60 9.39
N ASP A 187 3.94 3.38 10.46
CA ASP A 187 2.65 3.96 10.70
C ASP A 187 2.49 5.42 10.26
N PHE A 188 3.52 6.00 9.64
CA PHE A 188 3.42 7.33 9.01
C PHE A 188 2.39 7.19 7.89
N PRO A 189 1.69 8.28 7.53
CA PRO A 189 0.76 8.21 6.39
C PRO A 189 1.42 7.70 5.12
N GLY A 190 0.83 6.67 4.52
CA GLY A 190 1.42 6.06 3.34
C GLY A 190 2.44 5.00 3.65
N GLY A 191 2.78 4.83 4.92
CA GLY A 191 3.72 3.80 5.28
C GLY A 191 3.04 2.44 5.19
N ASP A 192 3.84 1.41 5.03
CA ASP A 192 3.27 0.08 4.84
C ASP A 192 4.28 -1.01 5.15
N ALA A 193 3.97 -1.82 6.15
CA ALA A 193 4.93 -2.85 6.58
C ALA A 193 5.25 -3.85 5.47
N ARG A 194 4.23 -4.23 4.69
CA ARG A 194 4.48 -5.21 3.62
C ARG A 194 5.45 -4.66 2.57
N SER A 195 5.23 -3.43 2.13
CA SER A 195 6.19 -2.72 1.30
C SER A 195 7.58 -2.66 1.93
N LEU A 196 7.65 -2.38 3.23
CA LEU A 196 8.96 -2.26 3.88
C LEU A 196 9.69 -3.60 3.82
N TYR A 197 8.99 -4.71 4.11
CA TYR A 197 9.59 -6.04 3.97
C TYR A 197 10.21 -6.24 2.59
N ARG A 198 9.46 -5.90 1.55
CA ARG A 198 9.93 -6.08 0.18
C ARG A 198 11.11 -5.17 -0.16
N SER A 199 11.07 -3.97 0.38
CA SER A 199 12.15 -3.03 0.13
C SER A 199 13.42 -3.49 0.81
N ILE A 200 13.30 -3.95 2.05
CA ILE A 200 14.46 -4.44 2.76
C ILE A 200 15.02 -5.67 2.04
N ARG A 201 14.17 -6.60 1.61
CA ARG A 201 14.65 -7.71 0.78
C ARG A 201 15.47 -7.26 -0.46
N LYS A 202 15.09 -6.14 -1.09
CA LYS A 202 15.85 -5.60 -2.25
C LYS A 202 17.22 -5.08 -1.80
N VAL A 203 17.24 -4.33 -0.70
CA VAL A 203 18.51 -3.81 -0.19
C VAL A 203 19.40 -5.00 0.17
N LEU A 204 18.82 -6.02 0.80
CA LEU A 204 19.58 -7.20 1.17
C LEU A 204 19.89 -8.17 0.02
N SER A 205 19.50 -7.82 -1.23
CA SER A 205 19.93 -8.55 -2.40
CA SER A 205 19.95 -8.58 -2.38
C SER A 205 21.20 -7.94 -3.02
N LEU A 206 21.65 -6.80 -2.46
CA LEU A 206 22.94 -6.22 -2.89
C LEU A 206 24.05 -7.16 -2.42
N PRO A 207 25.26 -7.02 -2.96
CA PRO A 207 26.34 -7.96 -2.59
C PRO A 207 26.59 -7.98 -1.09
N PRO A 208 26.96 -9.15 -0.55
CA PRO A 208 27.01 -9.31 0.91
C PRO A 208 27.96 -8.33 1.61
N ALA A 209 29.03 -7.91 0.93
CA ALA A 209 30.01 -7.02 1.54
C ALA A 209 29.58 -5.58 1.56
N THR A 210 28.48 -5.28 0.89
CA THR A 210 27.94 -3.91 0.86
C THR A 210 27.77 -3.32 2.25
N ARG A 211 28.37 -2.14 2.47
CA ARG A 211 28.23 -1.42 3.75
C ARG A 211 26.93 -0.64 3.76
N LEU A 212 26.21 -0.72 4.88
CA LEU A 212 24.89 -0.10 5.00
C LEU A 212 24.95 0.94 6.09
N TYR A 213 24.78 2.19 5.69
CA TYR A 213 24.91 3.33 6.62
C TYR A 213 23.52 3.73 7.12
N MET A 214 23.40 3.75 8.44
CA MET A 214 22.12 3.98 9.11
C MET A 214 21.81 5.46 9.27
N CYS A 215 20.50 5.81 9.27
CA CYS A 215 19.97 7.15 9.43
C CYS A 215 19.84 7.54 10.89
N HIS A 216 19.63 6.52 11.75
CA HIS A 216 19.58 6.77 13.19
C HIS A 216 20.39 5.73 13.97
N ASP A 217 20.80 6.14 15.17
CA ASP A 217 21.26 5.22 16.21
C ASP A 217 20.54 5.58 17.51
N TYR A 218 19.54 4.77 17.82
CA TYR A 218 18.67 5.04 18.95
C TYR A 218 19.19 4.38 20.21
N GLN A 219 20.22 3.55 20.07
CA GLN A 219 20.82 2.92 21.26
C GLN A 219 22.31 3.26 21.40
N PRO A 220 22.64 4.56 21.46
CA PRO A 220 24.07 4.90 21.52
C PRO A 220 24.70 4.49 22.85
N ALA A 224 30.83 4.08 21.13
CA ALA A 224 29.50 4.66 21.35
C ALA A 224 28.57 4.50 20.13
N ILE A 225 28.84 5.21 19.03
CA ILE A 225 27.85 5.21 17.93
C ILE A 225 28.06 4.08 16.93
N GLN A 226 26.98 3.47 16.46
CA GLN A 226 27.10 2.50 15.41
C GLN A 226 26.55 3.05 14.07
N TYR A 227 27.44 3.35 13.11
CA TYR A 227 27.09 3.99 11.83
C TYR A 227 26.66 2.99 10.79
N ALA A 228 27.25 1.81 10.79
CA ALA A 228 27.09 0.95 9.61
C ALA A 228 27.03 -0.52 9.97
N SER A 229 26.31 -1.26 9.13
CA SER A 229 26.30 -2.71 9.22
C SER A 229 26.69 -3.17 7.81
N THR A 230 26.43 -4.44 7.49
CA THR A 230 26.67 -4.93 6.12
C THR A 230 25.47 -5.76 5.73
N VAL A 231 25.33 -6.01 4.43
CA VAL A 231 24.25 -6.88 3.98
C VAL A 231 24.34 -8.26 4.64
N ALA A 232 25.54 -8.83 4.69
CA ALA A 232 25.72 -10.15 5.27
C ALA A 232 25.26 -10.17 6.74
N ASP A 233 25.70 -9.19 7.51
CA ASP A 233 25.36 -9.19 8.92
C ASP A 233 23.88 -8.98 9.18
N GLU A 234 23.25 -8.13 8.37
CA GLU A 234 21.80 -7.91 8.50
C GLU A 234 21.00 -9.16 8.16
N LEU A 235 21.35 -9.84 7.06
CA LEU A 235 20.65 -11.06 6.73
C LEU A 235 20.76 -12.12 7.79
N ARG A 236 21.92 -12.16 8.45
CA ARG A 236 22.18 -13.15 9.44
C ARG A 236 21.57 -12.79 10.81
N GLU A 237 21.64 -11.53 11.19
CA GLU A 237 21.43 -11.16 12.60
C GLU A 237 20.19 -10.29 12.88
N ASN A 238 19.59 -9.67 11.86
CA ASN A 238 18.58 -8.63 12.14
C ASN A 238 17.41 -9.27 12.89
N VAL A 239 17.09 -8.69 14.06
CA VAL A 239 16.10 -9.33 14.93
C VAL A 239 14.67 -9.31 14.40
N HIS A 240 14.41 -8.52 13.36
CA HIS A 240 13.07 -8.44 12.78
C HIS A 240 12.96 -9.09 11.43
N ILE A 241 14.05 -9.07 10.67
CA ILE A 241 13.91 -9.38 9.26
C ILE A 241 15.11 -10.15 8.70
N ARG A 242 15.82 -10.85 9.60
CA ARG A 242 16.86 -11.80 9.16
C ARG A 242 16.26 -12.81 8.18
N GLU A 243 17.14 -13.52 7.48
CA GLU A 243 16.70 -14.61 6.59
C GLU A 243 15.86 -15.63 7.36
N GLY A 244 14.74 -16.03 6.78
CA GLY A 244 13.81 -16.95 7.44
C GLY A 244 12.51 -16.31 7.89
N VAL A 245 12.55 -15.03 8.23
CA VAL A 245 11.31 -14.36 8.62
C VAL A 245 10.42 -14.16 7.39
N THR A 246 9.18 -14.68 7.44
CA THR A 246 8.28 -14.54 6.30
C THR A 246 7.67 -13.14 6.28
N GLU A 247 7.19 -12.77 5.11
CA GLU A 247 6.54 -11.50 4.93
C GLU A 247 5.32 -11.36 5.88
N ASP A 248 4.46 -12.37 5.96
CA ASP A 248 3.29 -12.29 6.82
C ASP A 248 3.70 -12.10 8.27
N ASP A 249 4.72 -12.84 8.70
CA ASP A 249 5.12 -12.73 10.09
C ASP A 249 5.70 -11.36 10.40
N PHE A 250 6.49 -10.82 9.48
CA PHE A 250 7.04 -9.49 9.69
C PHE A 250 5.93 -8.46 9.77
N VAL A 251 4.95 -8.56 8.87
CA VAL A 251 3.84 -7.61 8.89
C VAL A 251 3.07 -7.65 10.19
N ALA A 252 2.80 -8.85 10.72
CA ALA A 252 2.09 -8.95 11.99
C ALA A 252 2.89 -8.31 13.11
N MET A 253 4.18 -8.63 13.14
CA MET A 253 5.04 -8.04 14.18
C MET A 253 5.10 -6.54 14.07
N ARG A 254 5.31 -6.06 12.85
CA ARG A 254 5.57 -4.62 12.64
C ARG A 254 4.32 -3.84 13.00
N THR A 255 3.16 -4.38 12.60
CA THR A 255 1.88 -3.75 12.88
C THR A 255 1.64 -3.67 14.38
N ALA A 256 1.86 -4.79 15.07
CA ALA A 256 1.63 -4.82 16.51
C ALA A 256 2.58 -3.83 17.21
N ARG A 257 3.83 -3.77 16.75
CA ARG A 257 4.83 -2.93 17.39
C ARG A 257 4.51 -1.45 17.19
N ASP A 258 4.10 -1.09 15.98
CA ASP A 258 3.77 0.31 15.67
C ASP A 258 2.67 0.81 16.58
N ALA A 259 1.75 -0.07 16.94
CA ALA A 259 0.60 0.33 17.73
C ALA A 259 1.01 0.73 19.16
N THR A 260 2.19 0.31 19.59
CA THR A 260 2.66 0.64 20.93
C THR A 260 3.48 1.95 20.99
N LEU A 261 3.79 2.54 19.84
CA LEU A 261 4.66 3.71 19.81
C LEU A 261 3.91 5.02 19.97
N ASP A 262 4.54 5.99 20.64
CA ASP A 262 4.02 7.35 20.64
C ASP A 262 4.48 8.09 19.38
N MET A 263 3.94 9.28 19.15
CA MET A 263 4.36 10.12 18.02
C MET A 263 5.79 10.66 18.25
N PRO A 264 6.62 10.78 17.20
CA PRO A 264 7.95 11.35 17.44
C PRO A 264 7.81 12.80 17.98
N VAL A 265 8.70 13.22 18.86
CA VAL A 265 8.61 14.53 19.53
C VAL A 265 8.50 15.63 18.46
N LEU A 266 9.37 15.57 17.45
CA LEU A 266 9.36 16.64 16.45
C LEU A 266 8.52 16.36 15.23
N MET A 267 7.58 15.42 15.29
CA MET A 267 6.85 15.02 14.10
C MET A 267 6.20 16.20 13.37
N LEU A 268 5.45 17.03 14.11
CA LEU A 268 4.66 18.06 13.45
C LEU A 268 5.53 19.26 12.94
N PRO A 269 6.50 19.72 13.74
CA PRO A 269 7.43 20.73 13.19
C PRO A 269 8.23 20.20 12.02
N SER A 270 8.75 18.98 12.14
CA SER A 270 9.62 18.39 11.07
C SER A 270 8.87 18.25 9.76
N VAL A 271 7.69 17.64 9.75
CA VAL A 271 7.11 17.36 8.44
C VAL A 271 6.68 18.65 7.71
N GLN A 272 6.18 19.64 8.43
CA GLN A 272 5.76 20.84 7.74
C GLN A 272 6.92 21.65 7.17
N VAL A 273 8.12 21.49 7.73
CA VAL A 273 9.32 22.17 7.17
C VAL A 273 9.86 21.27 6.06
N ASN A 274 9.95 19.96 6.29
CA ASN A 274 10.65 19.11 5.33
C ASN A 274 9.85 18.88 4.04
N MET A 275 8.51 18.98 4.14
CA MET A 275 7.71 18.93 2.91
C MET A 275 7.97 20.12 1.96
N ARG A 276 8.60 21.20 2.49
CA ARG A 276 8.98 22.41 1.72
C ARG A 276 10.50 22.38 1.52
N ALA A 277 11.11 21.19 1.53
CA ALA A 277 12.53 20.94 1.26
C ALA A 277 13.40 21.57 2.36
N GLY A 278 12.78 21.82 3.49
CA GLY A 278 13.52 22.43 4.62
C GLY A 278 13.31 23.91 4.74
N ARG A 279 12.59 24.52 3.81
CA ARG A 279 12.23 25.92 4.04
C ARG A 279 11.21 26.15 5.16
N LEU A 280 11.43 27.21 5.93
CA LEU A 280 10.51 27.55 6.96
C LEU A 280 9.28 28.22 6.36
N PRO A 281 8.16 28.21 7.09
CA PRO A 281 6.98 28.87 6.56
C PRO A 281 7.20 30.35 6.32
N GLU A 282 6.53 30.91 5.33
CA GLU A 282 6.68 32.32 5.07
C GLU A 282 6.15 33.18 6.22
N PRO A 283 6.78 34.33 6.47
CA PRO A 283 6.32 35.09 7.63
C PRO A 283 4.91 35.65 7.47
N GLU A 284 4.24 35.80 8.60
CA GLU A 284 2.98 36.54 8.68
C GLU A 284 3.21 38.03 8.60
N ASP A 285 2.11 38.78 8.64
CA ASP A 285 2.16 40.20 8.36
C ASP A 285 2.96 40.97 9.41
N ASN A 286 3.26 40.31 10.52
CA ASN A 286 4.08 40.94 11.55
C ASN A 286 5.57 40.62 11.46
N GLY A 287 5.97 39.88 10.42
CA GLY A 287 7.38 39.59 10.23
C GLY A 287 7.86 38.34 10.90
N VAL A 288 6.97 37.65 11.59
CA VAL A 288 7.35 36.44 12.31
C VAL A 288 6.89 35.19 11.57
N ARG A 289 7.72 34.16 11.48
CA ARG A 289 7.31 32.86 10.92
C ARG A 289 6.73 31.96 12.00
N TYR A 290 5.64 31.24 11.68
CA TYR A 290 5.02 30.34 12.68
C TYR A 290 4.90 28.93 12.14
N LEU A 291 5.22 27.95 13.00
CA LEU A 291 4.80 26.58 12.72
C LEU A 291 3.35 26.44 13.19
N LYS A 292 2.59 25.60 12.47
CA LYS A 292 1.18 25.30 12.82
C LYS A 292 1.09 23.90 13.42
N ILE A 293 0.43 23.78 14.55
CA ILE A 293 0.21 22.48 15.19
C ILE A 293 -1.30 22.19 15.15
N PRO A 294 -1.71 21.26 14.29
CA PRO A 294 -3.14 20.92 14.24
C PRO A 294 -3.62 20.26 15.54
N LEU A 295 -4.77 20.72 16.02
CA LEU A 295 -5.36 20.13 17.22
C LEU A 295 -6.28 18.99 16.81
N ASP A 296 -6.10 17.83 17.46
CA ASP A 296 -7.02 16.70 17.33
C ASP A 296 -7.33 16.31 15.87
N ALA A 297 -6.28 16.23 15.07
CA ALA A 297 -6.41 16.02 13.62
C ALA A 297 -5.59 14.83 13.12
N ILE A 298 -4.76 14.28 14.01
CA ILE A 298 -3.90 13.14 13.68
C ILE A 298 -3.78 12.24 14.92
N SER B 4 -22.68 -20.50 -26.51
CA SER B 4 -21.53 -21.23 -26.00
C SER B 4 -21.34 -20.98 -24.49
N MET B 5 -21.17 -19.72 -24.14
CA MET B 5 -21.18 -19.31 -22.74
C MET B 5 -22.54 -18.66 -22.47
N THR B 6 -23.14 -18.97 -21.34
CA THR B 6 -24.38 -18.33 -20.98
C THR B 6 -24.12 -17.66 -19.62
N VAL B 7 -24.50 -16.38 -19.48
CA VAL B 7 -24.34 -15.68 -18.20
C VAL B 7 -25.69 -15.13 -17.79
N GLU B 8 -26.13 -15.48 -16.59
CA GLU B 8 -27.38 -14.98 -16.05
C GLU B 8 -27.11 -14.29 -14.70
N GLY B 9 -27.57 -13.03 -14.61
CA GLY B 9 -27.39 -12.22 -13.41
C GLY B 9 -28.67 -12.21 -12.59
N PHE B 10 -28.51 -12.16 -11.25
CA PHE B 10 -29.64 -12.19 -10.32
C PHE B 10 -29.42 -11.00 -9.38
N PHE B 11 -30.28 -9.99 -9.47
CA PHE B 11 -30.08 -8.72 -8.77
C PHE B 11 -30.86 -8.77 -7.47
N ASP B 12 -30.17 -8.46 -6.35
CA ASP B 12 -30.82 -8.41 -5.04
C ASP B 12 -31.12 -6.97 -4.62
N PRO B 13 -32.39 -6.58 -4.53
CA PRO B 13 -32.74 -5.18 -4.29
C PRO B 13 -32.23 -4.71 -2.93
N ALA B 14 -32.17 -5.61 -1.95
CA ALA B 14 -31.82 -5.16 -0.59
C ALA B 14 -30.37 -4.74 -0.46
N THR B 15 -29.48 -5.43 -1.16
CA THR B 15 -28.06 -5.13 -1.07
C THR B 15 -27.44 -4.61 -2.36
N CYS B 16 -28.26 -4.56 -3.41
CA CYS B 16 -27.86 -4.14 -4.79
C CYS B 16 -26.77 -5.04 -5.39
N THR B 17 -26.62 -6.26 -4.89
CA THR B 17 -25.63 -7.25 -5.35
C THR B 17 -26.18 -8.00 -6.56
N ILE B 18 -25.34 -8.21 -7.57
CA ILE B 18 -25.68 -9.13 -8.65
C ILE B 18 -24.88 -10.40 -8.47
N SER B 19 -25.60 -11.51 -8.32
CA SER B 19 -24.97 -12.84 -8.26
C SER B 19 -25.11 -13.44 -9.67
N TYR B 20 -24.17 -14.30 -10.07
CA TYR B 20 -24.21 -14.83 -11.43
C TYR B 20 -24.19 -16.33 -11.49
N LEU B 21 -24.96 -16.82 -12.46
CA LEU B 21 -24.86 -18.20 -12.95
C LEU B 21 -24.14 -18.19 -14.29
N LEU B 22 -23.01 -18.90 -14.34
CA LEU B 22 -22.23 -19.04 -15.57
C LEU B 22 -22.38 -20.50 -16.05
N PHE B 23 -22.83 -20.70 -17.27
CA PHE B 23 -23.24 -22.02 -17.77
C PHE B 23 -22.54 -22.33 -19.09
N ASP B 24 -21.95 -23.52 -19.22
CA ASP B 24 -21.45 -24.01 -20.50
C ASP B 24 -22.51 -24.97 -21.06
N SER B 25 -23.30 -24.48 -22.02
CA SER B 25 -24.40 -25.23 -22.65
C SER B 25 -23.95 -26.60 -23.11
N GLY B 26 -22.77 -26.63 -23.71
CA GLY B 26 -22.28 -27.85 -24.33
C GLY B 26 -22.04 -29.02 -23.38
N SER B 27 -21.71 -28.72 -22.14
CA SER B 27 -21.34 -29.74 -21.17
C SER B 27 -22.30 -29.77 -20.00
N GLY B 28 -23.04 -28.69 -19.81
CA GLY B 28 -23.87 -28.52 -18.62
C GLY B 28 -23.16 -28.03 -17.35
N GLU B 29 -21.86 -27.78 -17.46
CA GLU B 29 -21.06 -27.39 -16.31
C GLU B 29 -21.29 -25.92 -15.94
N CYS B 30 -21.37 -25.63 -14.63
CA CYS B 30 -21.83 -24.34 -14.15
C CYS B 30 -20.94 -23.80 -13.03
N ALA B 31 -20.79 -22.47 -12.97
CA ALA B 31 -20.26 -21.81 -11.79
C ALA B 31 -21.27 -20.81 -11.27
N LEU B 32 -21.31 -20.64 -9.94
CA LEU B 32 -22.12 -19.60 -9.30
C LEU B 32 -21.14 -18.63 -8.69
N ILE B 33 -21.42 -17.34 -8.88
CA ILE B 33 -20.50 -16.30 -8.45
C ILE B 33 -21.19 -15.27 -7.54
N ASP B 34 -20.59 -15.02 -6.37
CA ASP B 34 -21.06 -13.96 -5.47
C ASP B 34 -22.53 -14.09 -5.01
N SER B 35 -22.81 -15.25 -4.41
CA SER B 35 -24.16 -15.54 -3.91
C SER B 35 -24.51 -14.77 -2.64
N VAL B 36 -25.82 -14.63 -2.42
CA VAL B 36 -26.33 -13.85 -1.28
C VAL B 36 -27.15 -14.74 -0.37
N LEU B 37 -26.79 -14.79 0.93
CA LEU B 37 -27.68 -15.27 2.00
C LEU B 37 -28.42 -14.05 2.53
N ASP B 38 -29.75 -14.02 2.41
CA ASP B 38 -30.53 -12.85 2.80
C ASP B 38 -30.50 -12.65 4.31
N TYR B 39 -30.29 -11.42 4.72
CA TYR B 39 -30.06 -11.20 6.15
C TYR B 39 -30.74 -9.90 6.54
N ASP B 40 -31.59 -9.92 7.59
CA ASP B 40 -32.20 -8.70 8.09
C ASP B 40 -31.47 -8.30 9.34
N PRO B 41 -30.68 -7.20 9.27
CA PRO B 41 -29.84 -6.83 10.43
C PRO B 41 -30.65 -6.38 11.62
N LYS B 42 -31.91 -5.97 11.43
CA LYS B 42 -32.77 -5.48 12.52
C LYS B 42 -33.25 -6.63 13.40
N SER B 43 -33.42 -7.80 12.81
CA SER B 43 -34.01 -8.94 13.56
C SER B 43 -33.08 -10.13 13.73
N GLY B 44 -31.95 -10.14 13.04
CA GLY B 44 -31.02 -11.26 13.06
C GLY B 44 -31.50 -12.43 12.24
N ARG B 45 -32.57 -12.24 11.44
CA ARG B 45 -33.15 -13.36 10.65
C ARG B 45 -32.44 -13.57 9.33
N THR B 46 -32.19 -14.85 9.01
CA THR B 46 -31.63 -15.18 7.68
C THR B 46 -32.75 -15.78 6.85
N ARG B 47 -32.64 -15.63 5.51
CA ARG B 47 -33.58 -16.29 4.59
C ARG B 47 -32.75 -16.77 3.44
N THR B 48 -33.32 -17.73 2.72
CA THR B 48 -32.59 -18.40 1.59
C THR B 48 -33.20 -18.12 0.26
N ALA B 49 -34.07 -17.13 0.18
CA ALA B 49 -34.78 -16.89 -1.09
C ALA B 49 -33.85 -16.58 -2.26
N SER B 50 -32.83 -15.75 -2.08
CA SER B 50 -31.94 -15.43 -3.21
C SER B 50 -31.17 -16.67 -3.67
N ALA B 51 -30.61 -17.42 -2.73
CA ALA B 51 -29.82 -18.61 -3.08
C ALA B 51 -30.74 -19.66 -3.69
N ASP B 52 -31.97 -19.74 -3.19
CA ASP B 52 -32.90 -20.74 -3.75
C ASP B 52 -33.25 -20.46 -5.22
N GLN B 53 -33.20 -19.20 -5.63
CA GLN B 53 -33.44 -18.85 -7.04
C GLN B 53 -32.30 -19.42 -7.89
N LEU B 54 -31.06 -19.33 -7.40
CA LEU B 54 -29.92 -19.91 -8.13
C LEU B 54 -30.07 -21.43 -8.18
N ILE B 55 -30.39 -22.06 -7.04
CA ILE B 55 -30.59 -23.51 -7.05
C ILE B 55 -31.65 -23.95 -8.03
N ALA B 56 -32.78 -23.26 -8.05
CA ALA B 56 -33.86 -23.61 -8.94
C ALA B 56 -33.46 -23.47 -10.45
N ARG B 57 -32.68 -22.43 -10.77
CA ARG B 57 -32.29 -22.24 -12.16
C ARG B 57 -31.25 -23.31 -12.58
N VAL B 58 -30.32 -23.63 -11.67
CA VAL B 58 -29.42 -24.77 -11.87
C VAL B 58 -30.19 -26.05 -12.20
N ALA B 59 -31.23 -26.36 -11.42
CA ALA B 59 -31.98 -27.57 -11.62
C ALA B 59 -32.76 -27.57 -12.93
N ALA B 60 -33.32 -26.40 -13.27
CA ALA B 60 -34.11 -26.28 -14.50
C ALA B 60 -33.22 -26.42 -15.73
N LEU B 61 -31.98 -25.98 -15.62
CA LEU B 61 -31.03 -26.14 -16.75
C LEU B 61 -30.37 -27.52 -16.82
N GLY B 62 -30.59 -28.36 -15.80
CA GLY B 62 -29.91 -29.66 -15.82
C GLY B 62 -28.40 -29.49 -15.59
N ALA B 63 -28.02 -28.41 -14.92
CA ALA B 63 -26.63 -27.99 -14.81
C ALA B 63 -25.94 -28.68 -13.64
N ARG B 64 -24.61 -28.80 -13.74
CA ARG B 64 -23.84 -29.31 -12.62
C ARG B 64 -22.87 -28.25 -12.14
N VAL B 65 -23.05 -27.79 -10.90
CA VAL B 65 -22.20 -26.74 -10.36
C VAL B 65 -20.81 -27.32 -9.98
N ARG B 66 -19.75 -26.73 -10.57
CA ARG B 66 -18.36 -27.17 -10.32
C ARG B 66 -17.63 -26.18 -9.40
N TRP B 67 -17.99 -24.91 -9.50
CA TRP B 67 -17.32 -23.82 -8.75
C TRP B 67 -18.27 -22.85 -8.11
N LEU B 68 -17.94 -22.45 -6.88
CA LEU B 68 -18.68 -21.44 -6.16
C LEU B 68 -17.65 -20.35 -5.87
N LEU B 69 -17.69 -19.29 -6.67
CA LEU B 69 -16.58 -18.29 -6.72
C LEU B 69 -16.98 -17.05 -5.99
N GLU B 70 -16.05 -16.55 -5.19
CA GLU B 70 -16.16 -15.23 -4.57
C GLU B 70 -15.16 -14.29 -5.23
N THR B 71 -15.64 -13.15 -5.69
CA THR B 71 -14.68 -12.16 -6.24
C THR B 71 -13.81 -11.54 -5.14
N HIS B 72 -14.38 -11.40 -3.95
CA HIS B 72 -13.64 -10.86 -2.80
C HIS B 72 -14.40 -11.15 -1.51
N VAL B 73 -13.87 -10.69 -0.37
CA VAL B 73 -14.58 -10.84 0.92
C VAL B 73 -15.55 -9.67 0.99
N HIS B 74 -16.83 -9.96 0.81
CA HIS B 74 -17.82 -8.90 0.69
C HIS B 74 -18.15 -8.27 2.03
N ALA B 75 -18.34 -6.97 1.99
CA ALA B 75 -18.68 -6.21 3.17
C ALA B 75 -20.13 -5.77 3.13
N ASP B 76 -20.87 -6.13 2.09
CA ASP B 76 -22.19 -5.57 1.93
C ASP B 76 -23.28 -6.62 1.92
N HIS B 77 -22.90 -7.88 1.94
CA HIS B 77 -23.89 -8.96 2.06
C HIS B 77 -23.21 -10.19 2.61
N LEU B 78 -24.00 -11.12 3.15
CA LEU B 78 -23.47 -12.39 3.59
C LEU B 78 -23.47 -13.31 2.38
N SER B 79 -22.40 -14.06 2.21
CA SER B 79 -22.36 -15.11 1.20
C SER B 79 -23.25 -16.26 1.54
N ALA B 80 -23.74 -16.93 0.50
CA ALA B 80 -24.49 -18.17 0.71
C ALA B 80 -23.68 -19.39 0.22
N ALA B 81 -22.35 -19.25 0.07
CA ALA B 81 -21.59 -20.35 -0.50
C ALA B 81 -21.76 -21.72 0.20
N PRO B 82 -21.71 -21.82 1.54
CA PRO B 82 -21.81 -23.14 2.19
C PRO B 82 -23.19 -23.72 1.99
N TYR B 83 -24.22 -22.88 2.07
CA TYR B 83 -25.61 -23.34 1.83
C TYR B 83 -25.74 -23.94 0.44
N LEU B 84 -25.16 -23.25 -0.54
CA LEU B 84 -25.17 -23.75 -1.92
C LEU B 84 -24.36 -25.01 -2.05
N LYS B 85 -23.17 -25.07 -1.45
CA LYS B 85 -22.33 -26.25 -1.64
C LYS B 85 -23.05 -27.53 -1.23
N THR B 86 -23.75 -27.46 -0.09
CA THR B 86 -24.50 -28.60 0.41
C THR B 86 -25.57 -29.07 -0.57
N ARG B 87 -26.13 -28.10 -1.31
CA ARG B 87 -27.36 -28.34 -2.11
C ARG B 87 -27.12 -28.52 -3.61
N VAL B 88 -26.02 -27.97 -4.14
CA VAL B 88 -25.72 -28.13 -5.59
C VAL B 88 -24.31 -28.67 -5.82
N GLY B 89 -23.48 -28.73 -4.76
CA GLY B 89 -22.11 -29.23 -4.97
C GLY B 89 -21.16 -28.10 -5.31
N GLY B 90 -19.97 -28.52 -5.74
CA GLY B 90 -18.99 -27.56 -6.23
C GLY B 90 -17.94 -27.24 -5.18
N GLU B 91 -16.90 -26.52 -5.59
CA GLU B 91 -15.86 -26.12 -4.66
C GLU B 91 -15.83 -24.60 -4.48
N ILE B 92 -15.70 -24.15 -3.23
CA ILE B 92 -15.71 -22.72 -2.92
C ILE B 92 -14.27 -22.15 -3.12
N ALA B 93 -14.16 -21.10 -3.91
CA ALA B 93 -12.81 -20.57 -4.24
C ALA B 93 -12.77 -19.08 -4.08
N ILE B 94 -11.62 -18.55 -3.67
CA ILE B 94 -11.46 -17.11 -3.43
C ILE B 94 -9.96 -16.83 -3.59
N GLY B 95 -9.59 -15.55 -3.76
CA GLY B 95 -8.20 -15.18 -3.83
C GLY B 95 -7.45 -15.49 -2.54
N ARG B 96 -6.20 -15.90 -2.69
CA ARG B 96 -5.38 -16.39 -1.59
C ARG B 96 -5.20 -15.33 -0.50
N HIS B 97 -5.27 -14.04 -0.88
CA HIS B 97 -5.07 -13.04 0.15
C HIS B 97 -6.22 -12.87 1.10
N VAL B 98 -7.24 -13.71 0.97
CA VAL B 98 -8.22 -13.83 2.03
C VAL B 98 -7.55 -14.07 3.37
N THR B 99 -6.38 -14.68 3.39
CA THR B 99 -5.71 -14.98 4.67
C THR B 99 -5.35 -13.69 5.42
N ARG B 100 -5.04 -12.63 4.67
CA ARG B 100 -4.74 -11.34 5.28
C ARG B 100 -5.99 -10.77 5.92
N VAL B 101 -7.13 -10.95 5.27
CA VAL B 101 -8.40 -10.49 5.83
C VAL B 101 -8.71 -11.26 7.11
N GLN B 102 -8.49 -12.58 7.09
CA GLN B 102 -8.69 -13.40 8.30
C GLN B 102 -7.83 -12.93 9.45
N ASP B 103 -6.57 -12.55 9.19
CA ASP B 103 -5.71 -12.07 10.26
C ASP B 103 -6.28 -10.80 10.92
N VAL B 104 -6.67 -9.81 10.10
CA VAL B 104 -7.16 -8.51 10.63
C VAL B 104 -8.52 -8.68 11.32
N PHE B 105 -9.42 -9.40 10.68
CA PHE B 105 -10.80 -9.49 11.21
C PHE B 105 -10.96 -10.58 12.26
N GLY B 106 -10.11 -11.59 12.24
CA GLY B 106 -10.07 -12.52 13.35
C GLY B 106 -9.79 -11.77 14.63
N LYS B 107 -8.83 -10.85 14.57
CA LYS B 107 -8.49 -9.97 15.70
C LYS B 107 -9.65 -9.04 16.05
N LEU B 108 -10.26 -8.37 15.07
CA LEU B 108 -11.33 -7.38 15.39
C LEU B 108 -12.51 -8.04 16.09
N PHE B 109 -12.84 -9.26 15.67
CA PHE B 109 -14.01 -9.96 16.20
C PHE B 109 -13.66 -10.91 17.33
N ASN B 110 -12.37 -10.96 17.72
CA ASN B 110 -11.88 -11.82 18.78
C ASN B 110 -12.34 -13.25 18.55
N ALA B 111 -12.06 -13.77 17.35
CA ALA B 111 -12.64 -15.04 16.93
C ALA B 111 -12.01 -16.21 17.66
N GLY B 112 -10.83 -16.00 18.18
CA GLY B 112 -10.19 -17.02 18.99
C GLY B 112 -9.56 -18.14 18.20
N PRO B 113 -9.04 -19.15 18.92
CA PRO B 113 -8.14 -20.15 18.33
C PRO B 113 -8.83 -21.13 17.36
N ALA B 114 -10.14 -21.30 17.45
CA ALA B 114 -10.88 -22.20 16.56
C ALA B 114 -11.05 -21.65 15.13
N PHE B 115 -10.78 -20.38 14.95
CA PHE B 115 -10.94 -19.78 13.64
C PHE B 115 -9.57 -19.75 12.95
N ALA B 116 -9.45 -20.48 11.83
CA ALA B 116 -8.15 -20.61 11.16
C ALA B 116 -7.88 -19.37 10.30
N HIS B 117 -6.62 -18.98 10.19
CA HIS B 117 -6.28 -17.80 9.38
C HIS B 117 -5.54 -18.24 8.15
N ASP B 118 -5.71 -19.49 7.75
CA ASP B 118 -4.95 -20.03 6.62
C ASP B 118 -5.84 -20.29 5.40
N GLY B 119 -7.06 -19.78 5.41
CA GLY B 119 -7.97 -19.97 4.29
C GLY B 119 -8.51 -21.39 4.14
N SER B 120 -8.31 -22.25 5.14
CA SER B 120 -8.72 -23.64 5.05
C SER B 120 -10.25 -23.85 5.03
N GLN B 121 -11.02 -22.79 5.31
CA GLN B 121 -12.48 -22.84 5.20
C GLN B 121 -12.93 -22.86 3.74
N PHE B 122 -12.02 -22.50 2.84
CA PHE B 122 -12.28 -22.45 1.40
C PHE B 122 -11.73 -23.73 0.78
N ASP B 123 -12.31 -24.17 -0.34
CA ASP B 123 -11.77 -25.34 -1.01
C ASP B 123 -10.53 -25.06 -1.87
N ARG B 124 -10.48 -23.88 -2.47
CA ARG B 124 -9.38 -23.50 -3.36
C ARG B 124 -9.00 -22.06 -3.04
N LEU B 125 -7.70 -21.81 -2.90
CA LEU B 125 -7.20 -20.44 -2.76
C LEU B 125 -6.52 -20.09 -4.08
N LEU B 126 -6.84 -18.93 -4.63
CA LEU B 126 -6.39 -18.66 -6.03
C LEU B 126 -5.31 -17.61 -6.11
N ASP B 127 -4.35 -17.89 -6.98
CA ASP B 127 -3.27 -16.96 -7.28
C ASP B 127 -3.51 -16.35 -8.65
N ASP B 128 -2.91 -15.18 -8.90
CA ASP B 128 -2.97 -14.55 -10.21
C ASP B 128 -2.57 -15.54 -11.27
N GLY B 129 -3.42 -15.70 -12.28
CA GLY B 129 -3.06 -16.54 -13.41
C GLY B 129 -3.59 -17.97 -13.33
N ASP B 130 -4.07 -18.38 -12.16
CA ASP B 130 -4.66 -19.71 -12.02
C ASP B 130 -5.83 -19.86 -12.98
N THR B 131 -6.01 -21.05 -13.53
CA THR B 131 -7.18 -21.30 -14.36
C THR B 131 -8.02 -22.44 -13.76
N LEU B 132 -9.33 -22.28 -13.92
CA LEU B 132 -10.34 -23.27 -13.51
C LEU B 132 -11.10 -23.76 -14.74
N ALA B 133 -11.18 -25.08 -14.92
CA ALA B 133 -11.89 -25.59 -16.08
C ALA B 133 -13.40 -25.60 -15.83
N LEU B 134 -14.15 -25.29 -16.87
CA LEU B 134 -15.59 -25.38 -16.75
C LEU B 134 -16.07 -25.92 -18.06
N GLY B 135 -16.09 -27.23 -18.19
CA GLY B 135 -16.44 -27.82 -19.47
C GLY B 135 -15.49 -27.35 -20.56
N ALA B 136 -16.04 -26.76 -21.61
CA ALA B 136 -15.25 -26.22 -22.69
C ALA B 136 -14.68 -24.85 -22.41
N LEU B 137 -15.13 -24.23 -21.32
CA LEU B 137 -14.64 -22.89 -20.97
C LEU B 137 -13.45 -22.99 -20.03
N SER B 138 -12.68 -21.91 -19.97
CA SER B 138 -11.61 -21.77 -18.98
C SER B 138 -11.84 -20.47 -18.23
N ILE B 139 -11.76 -20.50 -16.91
CA ILE B 139 -11.89 -19.28 -16.13
C ILE B 139 -10.50 -18.91 -15.63
N ARG B 140 -9.97 -17.72 -15.98
CA ARG B 140 -8.65 -17.30 -15.46
C ARG B 140 -8.85 -16.35 -14.27
N ALA B 141 -8.17 -16.62 -13.16
CA ALA B 141 -8.23 -15.72 -12.00
C ALA B 141 -7.23 -14.60 -12.10
N MET B 142 -7.71 -13.38 -12.35
CA MET B 142 -6.81 -12.25 -12.49
C MET B 142 -6.83 -11.44 -11.20
N HIS B 143 -5.68 -11.30 -10.55
CA HIS B 143 -5.67 -10.56 -9.27
C HIS B 143 -5.80 -9.07 -9.54
N THR B 144 -6.84 -8.47 -8.95
CA THR B 144 -7.17 -7.07 -9.22
C THR B 144 -7.47 -6.35 -7.92
N PRO B 145 -6.43 -6.19 -7.10
CA PRO B 145 -6.64 -5.61 -5.77
C PRO B 145 -6.91 -4.11 -5.84
N GLY B 146 -7.51 -3.57 -4.78
CA GLY B 146 -7.64 -2.12 -4.67
C GLY B 146 -8.83 -1.89 -3.75
N HIS B 147 -9.97 -2.44 -4.09
CA HIS B 147 -11.15 -2.33 -3.24
C HIS B 147 -10.87 -3.15 -1.95
N THR B 148 -10.25 -4.32 -2.12
CA THR B 148 -9.69 -5.14 -1.04
C THR B 148 -8.36 -5.74 -1.52
N PRO B 149 -7.52 -6.23 -0.61
CA PRO B 149 -6.30 -6.82 -1.13
C PRO B 149 -6.45 -8.16 -1.79
N ALA B 150 -7.63 -8.78 -1.71
CA ALA B 150 -7.83 -10.15 -2.17
C ALA B 150 -8.61 -10.25 -3.47
N CYS B 151 -9.12 -9.11 -3.98
CA CYS B 151 -10.02 -9.10 -5.16
C CYS B 151 -9.48 -9.82 -6.40
N MET B 152 -10.33 -10.69 -6.96
CA MET B 152 -10.04 -11.38 -8.21
C MET B 152 -11.11 -11.00 -9.25
N THR B 153 -10.66 -10.85 -10.51
CA THR B 153 -11.56 -10.73 -11.65
C THR B 153 -11.50 -12.05 -12.41
N TYR B 154 -12.66 -12.64 -12.69
CA TYR B 154 -12.71 -13.95 -13.35
C TYR B 154 -12.96 -13.78 -14.84
N VAL B 155 -11.96 -14.14 -15.63
CA VAL B 155 -11.96 -13.89 -17.07
C VAL B 155 -12.28 -15.22 -17.75
N VAL B 156 -13.44 -15.28 -18.41
CA VAL B 156 -13.91 -16.54 -19.00
C VAL B 156 -13.82 -16.53 -20.52
N THR B 157 -13.18 -17.56 -21.08
CA THR B 157 -13.09 -17.72 -22.53
C THR B 157 -13.37 -19.18 -22.90
N GLU B 158 -13.54 -19.45 -24.18
CA GLU B 158 -13.54 -20.82 -24.67
C GLU B 158 -12.11 -21.29 -24.39
N ALA B 159 -11.94 -22.54 -23.96
CA ALA B 159 -10.57 -23.05 -23.80
C ALA B 159 -9.97 -23.41 -25.17
N ARG B 166 -11.01 -13.40 -28.64
CA ARG B 166 -11.27 -13.85 -27.27
C ARG B 166 -12.76 -13.99 -26.91
N ASP B 167 -13.62 -13.08 -27.41
CA ASP B 167 -15.04 -13.05 -27.06
C ASP B 167 -15.25 -13.32 -25.58
N ALA B 168 -14.48 -12.62 -24.75
CA ALA B 168 -14.46 -12.94 -23.33
C ALA B 168 -15.55 -12.27 -22.49
N ALA B 169 -15.76 -12.80 -21.29
CA ALA B 169 -16.58 -12.16 -20.29
C ALA B 169 -15.70 -12.07 -19.06
N ALA B 170 -15.83 -10.99 -18.32
CA ALA B 170 -15.10 -10.88 -17.08
C ALA B 170 -15.99 -10.44 -15.93
N PHE B 171 -15.96 -11.19 -14.83
CA PHE B 171 -16.67 -10.83 -13.61
C PHE B 171 -15.73 -10.06 -12.78
N VAL B 172 -16.01 -8.76 -12.67
CA VAL B 172 -15.01 -7.82 -12.16
C VAL B 172 -15.18 -7.55 -10.68
N GLY B 173 -16.14 -8.17 -10.02
CA GLY B 173 -16.35 -7.92 -8.58
C GLY B 173 -16.67 -6.45 -8.41
N ASP B 174 -16.07 -5.81 -7.41
CA ASP B 174 -16.26 -4.36 -7.22
C ASP B 174 -15.10 -3.51 -7.78
N THR B 175 -14.31 -4.10 -8.65
CA THR B 175 -13.17 -3.37 -9.26
C THR B 175 -13.67 -2.30 -10.25
N LEU B 176 -14.82 -2.50 -10.87
CA LEU B 176 -15.47 -1.44 -11.64
C LEU B 176 -16.96 -1.47 -11.35
N PHE B 177 -17.64 -0.35 -11.61
CA PHE B 177 -19.12 -0.26 -11.67
C PHE B 177 -19.49 0.08 -13.09
N MET B 178 -20.80 0.15 -13.39
CA MET B 178 -21.27 0.70 -14.66
C MET B 178 -20.66 2.08 -14.85
N PRO B 179 -20.35 2.45 -16.10
CA PRO B 179 -19.60 3.69 -16.39
C PRO B 179 -20.21 4.92 -15.72
N ASP B 180 -21.54 5.00 -15.65
CA ASP B 180 -22.19 6.19 -15.06
C ASP B 180 -22.11 6.32 -13.52
N TYR B 181 -21.60 5.26 -12.88
CA TYR B 181 -21.43 5.26 -11.43
C TYR B 181 -19.96 5.35 -11.01
N GLY B 182 -19.05 4.79 -11.81
CA GLY B 182 -17.62 4.97 -11.60
C GLY B 182 -16.87 3.79 -10.99
N THR B 183 -16.43 3.94 -9.75
CA THR B 183 -15.55 2.97 -9.10
C THR B 183 -15.95 2.79 -7.65
N ALA B 184 -15.38 1.75 -7.02
CA ALA B 184 -15.69 1.38 -5.66
C ALA B 184 -14.79 2.06 -4.65
N ARG B 185 -15.27 2.16 -3.43
CA ARG B 185 -14.46 2.69 -2.32
C ARG B 185 -13.26 1.81 -2.03
N CYS B 186 -12.21 2.41 -1.49
CA CYS B 186 -10.97 1.66 -1.23
C CYS B 186 -10.53 1.82 0.22
N ASP B 187 -11.48 2.04 1.13
CA ASP B 187 -11.15 2.27 2.54
C ASP B 187 -11.30 1.04 3.45
N PHE B 188 -11.71 -0.11 2.93
CA PHE B 188 -11.63 -1.42 3.61
C PHE B 188 -10.17 -1.54 4.05
N PRO B 189 -9.92 -2.21 5.17
CA PRO B 189 -8.51 -2.48 5.52
C PRO B 189 -7.75 -3.19 4.40
N GLY B 190 -6.59 -2.61 4.06
CA GLY B 190 -5.82 -3.17 2.97
C GLY B 190 -6.21 -2.60 1.61
N GLY B 191 -7.31 -1.87 1.57
CA GLY B 191 -7.73 -1.23 0.34
C GLY B 191 -6.72 -0.16 -0.02
N ASP B 192 -6.65 0.16 -1.30
CA ASP B 192 -5.70 1.12 -1.77
C ASP B 192 -6.11 1.66 -3.14
N ALA B 193 -6.32 2.96 -3.22
CA ALA B 193 -6.81 3.57 -4.45
C ALA B 193 -5.81 3.49 -5.62
N ARG B 194 -4.53 3.62 -5.30
CA ARG B 194 -3.49 3.53 -6.34
C ARG B 194 -3.46 2.11 -6.93
N SER B 195 -3.58 1.09 -6.09
CA SER B 195 -3.71 -0.29 -6.56
C SER B 195 -4.95 -0.48 -7.41
N LEU B 196 -6.07 0.11 -6.97
CA LEU B 196 -7.30 -0.04 -7.75
C LEU B 196 -7.14 0.56 -9.15
N TYR B 197 -6.58 1.76 -9.25
CA TYR B 197 -6.32 2.35 -10.58
C TYR B 197 -5.53 1.37 -11.46
N ARG B 198 -4.49 0.76 -10.89
CA ARG B 198 -3.63 -0.12 -11.71
C ARG B 198 -4.34 -1.39 -12.07
N SER B 199 -5.15 -1.91 -11.14
CA SER B 199 -5.94 -3.12 -11.46
C SER B 199 -7.00 -2.83 -12.50
N ILE B 200 -7.66 -1.68 -12.39
CA ILE B 200 -8.60 -1.27 -13.47
C ILE B 200 -7.93 -1.13 -14.82
N ARG B 201 -6.74 -0.55 -14.87
CA ARG B 201 -6.04 -0.47 -16.16
C ARG B 201 -5.77 -1.85 -16.73
N LYS B 202 -5.55 -2.85 -15.85
CA LYS B 202 -5.36 -4.23 -16.30
C LYS B 202 -6.64 -4.80 -16.92
N VAL B 203 -7.76 -4.62 -16.23
CA VAL B 203 -9.05 -5.10 -16.76
C VAL B 203 -9.37 -4.39 -18.08
N LEU B 204 -9.12 -3.09 -18.16
CA LEU B 204 -9.42 -2.37 -19.42
C LEU B 204 -8.34 -2.54 -20.49
N SER B 205 -7.36 -3.40 -20.21
CA SER B 205 -6.41 -3.86 -21.21
C SER B 205 -6.90 -5.09 -21.96
N LEU B 206 -7.99 -5.70 -21.48
CA LEU B 206 -8.64 -6.79 -22.21
C LEU B 206 -9.17 -6.25 -23.54
N PRO B 207 -9.49 -7.14 -24.50
CA PRO B 207 -10.00 -6.61 -25.78
C PRO B 207 -11.26 -5.77 -25.55
N PRO B 208 -11.47 -4.70 -26.33
CA PRO B 208 -12.57 -3.75 -26.12
C PRO B 208 -13.98 -4.34 -26.10
N ALA B 209 -14.23 -5.41 -26.86
CA ALA B 209 -15.56 -5.99 -26.86
C ALA B 209 -15.85 -6.92 -25.67
N THR B 210 -14.89 -7.09 -24.76
CA THR B 210 -15.03 -7.95 -23.60
C THR B 210 -16.19 -7.44 -22.78
N ARG B 211 -17.15 -8.33 -22.45
CA ARG B 211 -18.25 -7.93 -21.56
C ARG B 211 -17.84 -7.98 -20.11
N LEU B 212 -18.22 -6.96 -19.35
CA LEU B 212 -17.81 -6.84 -17.95
C LEU B 212 -19.07 -6.91 -17.12
N TYR B 213 -19.09 -7.85 -16.17
CA TYR B 213 -20.25 -8.04 -15.32
C TYR B 213 -19.95 -7.55 -13.92
N MET B 214 -20.78 -6.61 -13.45
CA MET B 214 -20.58 -5.94 -12.16
C MET B 214 -21.15 -6.70 -10.97
N CYS B 215 -20.50 -6.56 -9.81
CA CYS B 215 -21.01 -7.11 -8.53
C CYS B 215 -22.14 -6.27 -7.95
N HIS B 216 -22.14 -4.96 -8.24
CA HIS B 216 -23.18 -4.06 -7.70
C HIS B 216 -23.67 -3.08 -8.71
N ASP B 217 -24.94 -2.69 -8.57
CA ASP B 217 -25.45 -1.55 -9.33
C ASP B 217 -26.42 -0.77 -8.47
N TYR B 218 -26.28 0.55 -8.48
CA TYR B 218 -27.07 1.40 -7.62
C TYR B 218 -28.02 2.32 -8.39
N GLN B 219 -28.14 2.12 -9.70
CA GLN B 219 -29.06 2.91 -10.52
C GLN B 219 -28.99 4.43 -10.36
N PRO B 220 -27.82 5.02 -10.65
CA PRO B 220 -27.69 6.49 -10.62
C PRO B 220 -28.67 7.19 -11.54
N ASN B 221 -29.14 8.33 -11.06
CA ASN B 221 -30.17 9.10 -11.71
C ASN B 221 -31.50 8.40 -11.90
N GLY B 222 -31.72 7.30 -11.18
CA GLY B 222 -32.98 6.59 -11.28
C GLY B 222 -33.19 5.73 -12.51
N ARG B 223 -32.10 5.36 -13.19
CA ARG B 223 -32.24 4.55 -14.40
C ARG B 223 -32.57 3.10 -14.06
N ALA B 224 -32.92 2.33 -15.09
CA ALA B 224 -33.10 0.88 -14.91
C ALA B 224 -31.87 0.17 -14.37
N ILE B 225 -32.10 -0.96 -13.68
CA ILE B 225 -31.01 -1.81 -13.21
C ILE B 225 -30.19 -2.26 -14.42
N GLN B 226 -28.87 -2.15 -14.32
CA GLN B 226 -27.95 -2.58 -15.39
C GLN B 226 -26.77 -3.16 -14.69
N TYR B 227 -26.19 -4.23 -15.25
CA TYR B 227 -24.97 -4.75 -14.62
C TYR B 227 -23.96 -5.31 -15.58
N ALA B 228 -24.17 -5.08 -16.89
CA ALA B 228 -23.18 -5.44 -17.89
C ALA B 228 -22.72 -4.23 -18.70
N SER B 229 -21.41 -4.09 -18.80
CA SER B 229 -20.80 -3.09 -19.67
C SER B 229 -19.79 -3.78 -20.58
N THR B 230 -18.90 -3.01 -21.19
CA THR B 230 -17.82 -3.56 -22.00
C THR B 230 -16.58 -2.77 -21.68
N VAL B 231 -15.43 -3.34 -22.01
CA VAL B 231 -14.16 -2.60 -21.85
C VAL B 231 -14.21 -1.27 -22.62
N ALA B 232 -14.73 -1.30 -23.84
CA ALA B 232 -14.85 -0.08 -24.64
C ALA B 232 -15.71 1.02 -24.00
N ASP B 233 -16.88 0.63 -23.47
CA ASP B 233 -17.80 1.60 -22.86
C ASP B 233 -17.21 2.20 -21.59
N GLU B 234 -16.49 1.39 -20.82
CA GLU B 234 -15.79 1.89 -19.64
C GLU B 234 -14.69 2.91 -19.99
N LEU B 235 -13.86 2.60 -20.98
CA LEU B 235 -12.80 3.52 -21.38
C LEU B 235 -13.40 4.81 -21.87
N ARG B 236 -14.55 4.73 -22.54
CA ARG B 236 -15.12 5.91 -23.15
C ARG B 236 -15.87 6.82 -22.14
N GLU B 237 -16.63 6.21 -21.23
CA GLU B 237 -17.65 6.91 -20.44
C GLU B 237 -17.52 6.85 -18.90
N ASN B 238 -16.65 6.02 -18.35
CA ASN B 238 -16.56 5.90 -16.89
C ASN B 238 -16.27 7.25 -16.23
N VAL B 239 -17.14 7.62 -15.28
CA VAL B 239 -17.11 8.98 -14.73
C VAL B 239 -15.87 9.23 -13.87
N HIS B 240 -15.20 8.16 -13.42
CA HIS B 240 -13.98 8.29 -12.57
C HIS B 240 -12.69 7.92 -13.28
N ILE B 241 -12.78 6.97 -14.21
CA ILE B 241 -11.54 6.37 -14.69
C ILE B 241 -11.52 6.11 -16.20
N ARG B 242 -12.26 6.93 -16.94
CA ARG B 242 -12.28 6.90 -18.41
C ARG B 242 -10.86 7.22 -18.92
N GLU B 243 -10.58 6.85 -20.18
CA GLU B 243 -9.31 7.17 -20.85
C GLU B 243 -8.98 8.65 -20.64
N GLY B 244 -7.74 8.93 -20.25
CA GLY B 244 -7.33 10.30 -19.98
C GLY B 244 -7.09 10.62 -18.51
N VAL B 245 -7.81 9.93 -17.63
CA VAL B 245 -7.65 10.22 -16.20
C VAL B 245 -6.32 9.65 -15.69
N THR B 246 -5.47 10.49 -15.08
CA THR B 246 -4.19 10.00 -14.54
C THR B 246 -4.28 9.33 -13.20
N GLU B 247 -3.26 8.54 -12.87
CA GLU B 247 -3.26 7.78 -11.62
C GLU B 247 -3.31 8.73 -10.43
N ASP B 248 -2.45 9.74 -10.43
CA ASP B 248 -2.47 10.69 -9.34
C ASP B 248 -3.84 11.35 -9.15
N ASP B 249 -4.45 11.79 -10.26
CA ASP B 249 -5.76 12.42 -10.19
C ASP B 249 -6.83 11.47 -9.67
N PHE B 250 -6.84 10.24 -10.18
CA PHE B 250 -7.78 9.27 -9.65
C PHE B 250 -7.58 9.01 -8.14
N VAL B 251 -6.32 8.87 -7.72
CA VAL B 251 -6.06 8.60 -6.30
C VAL B 251 -6.57 9.74 -5.43
N ALA B 252 -6.35 10.96 -5.87
CA ALA B 252 -6.80 12.12 -5.09
C ALA B 252 -8.33 12.15 -5.03
N MET B 253 -8.99 11.84 -6.14
CA MET B 253 -10.44 11.82 -6.17
C MET B 253 -10.99 10.73 -5.24
N ARG B 254 -10.44 9.51 -5.37
CA ARG B 254 -10.95 8.34 -4.66
C ARG B 254 -10.72 8.50 -3.16
N THR B 255 -9.57 9.05 -2.78
CA THR B 255 -9.26 9.25 -1.36
C THR B 255 -10.19 10.27 -0.72
N ALA B 256 -10.45 11.37 -1.41
CA ALA B 256 -11.37 12.38 -0.90
C ALA B 256 -12.79 11.82 -0.85
N ARG B 257 -13.17 11.04 -1.85
CA ARG B 257 -14.53 10.51 -1.89
C ARG B 257 -14.71 9.50 -0.74
N ASP B 258 -13.72 8.62 -0.51
CA ASP B 258 -13.78 7.64 0.58
C ASP B 258 -13.90 8.28 1.96
N ALA B 259 -13.24 9.43 2.12
CA ALA B 259 -13.13 10.07 3.42
C ALA B 259 -14.51 10.47 3.91
N THR B 260 -15.42 10.65 2.96
CA THR B 260 -16.76 11.15 3.21
C THR B 260 -17.82 10.04 3.28
N LEU B 261 -17.39 8.79 3.34
CA LEU B 261 -18.35 7.69 3.24
C LEU B 261 -18.67 7.15 4.63
N ASP B 262 -19.88 6.67 4.81
CA ASP B 262 -20.17 5.95 6.04
C ASP B 262 -19.92 4.47 5.88
N MET B 263 -19.97 3.73 6.98
CA MET B 263 -19.75 2.30 6.93
CA MET B 263 -19.75 2.30 6.94
C MET B 263 -20.90 1.57 6.24
N PRO B 264 -20.60 0.56 5.42
CA PRO B 264 -21.73 -0.20 4.83
C PRO B 264 -22.62 -0.79 5.93
N VAL B 265 -23.93 -0.77 5.69
CA VAL B 265 -24.89 -1.23 6.71
C VAL B 265 -24.57 -2.62 7.18
N LEU B 266 -24.22 -3.52 6.27
CA LEU B 266 -23.98 -4.90 6.67
C LEU B 266 -22.52 -5.25 6.85
N MET B 267 -21.66 -4.23 7.00
CA MET B 267 -20.22 -4.51 7.13
C MET B 267 -19.86 -5.53 8.19
N LEU B 268 -20.29 -5.27 9.43
CA LEU B 268 -19.81 -6.11 10.52
C LEU B 268 -20.40 -7.54 10.48
N PRO B 269 -21.71 -7.69 10.22
CA PRO B 269 -22.22 -9.04 10.00
C PRO B 269 -21.58 -9.73 8.80
N SER B 270 -21.47 -9.02 7.67
CA SER B 270 -20.88 -9.65 6.48
C SER B 270 -19.47 -10.15 6.68
N VAL B 271 -18.59 -9.30 7.17
CA VAL B 271 -17.20 -9.71 7.19
C VAL B 271 -16.96 -10.89 8.13
N GLN B 272 -17.64 -10.95 9.28
CA GLN B 272 -17.35 -12.06 10.18
C GLN B 272 -17.85 -13.41 9.68
N VAL B 273 -18.85 -13.36 8.82
CA VAL B 273 -19.37 -14.56 8.18
C VAL B 273 -18.52 -14.90 6.94
N ASN B 274 -18.22 -13.90 6.10
CA ASN B 274 -17.51 -14.20 4.87
C ASN B 274 -16.05 -14.57 5.04
N MET B 275 -15.44 -14.12 6.13
CA MET B 275 -14.09 -14.48 6.44
C MET B 275 -14.00 -15.97 6.84
N ARG B 276 -15.17 -16.58 7.14
CA ARG B 276 -15.25 -18.01 7.37
C ARG B 276 -15.88 -18.74 6.19
N ALA B 277 -15.78 -18.17 4.99
CA ALA B 277 -16.25 -18.78 3.72
C ALA B 277 -17.79 -18.82 3.68
N GLY B 278 -18.37 -18.05 4.56
CA GLY B 278 -19.82 -17.90 4.70
C GLY B 278 -20.37 -18.77 5.78
N ARG B 279 -19.54 -19.49 6.50
CA ARG B 279 -20.03 -20.24 7.68
C ARG B 279 -20.46 -19.28 8.78
N LEU B 280 -21.57 -19.60 9.46
CA LEU B 280 -22.03 -18.78 10.54
C LEU B 280 -21.22 -19.17 11.78
N PRO B 281 -21.17 -18.25 12.77
CA PRO B 281 -20.47 -18.55 14.03
C PRO B 281 -21.05 -19.81 14.69
N GLU B 282 -20.21 -20.58 15.34
CA GLU B 282 -20.64 -21.80 16.02
C GLU B 282 -21.55 -21.40 17.18
N PRO B 283 -22.57 -22.25 17.46
CA PRO B 283 -23.54 -22.00 18.53
C PRO B 283 -22.87 -21.85 19.88
N GLU B 284 -23.43 -20.99 20.71
CA GLU B 284 -23.07 -21.01 22.13
C GLU B 284 -23.73 -22.15 22.88
N ASP B 285 -23.49 -22.24 24.17
CA ASP B 285 -24.01 -23.37 24.95
C ASP B 285 -25.54 -23.47 25.03
N ASN B 286 -26.23 -22.42 24.61
CA ASN B 286 -27.69 -22.44 24.61
C ASN B 286 -28.22 -22.80 23.23
N GLY B 287 -27.30 -23.10 22.33
CA GLY B 287 -27.65 -23.55 20.99
C GLY B 287 -27.92 -22.47 19.95
N VAL B 288 -27.74 -21.24 20.37
CA VAL B 288 -27.95 -20.08 19.52
C VAL B 288 -26.61 -19.58 18.99
N ARG B 289 -26.60 -19.20 17.72
CA ARG B 289 -25.43 -18.60 17.10
C ARG B 289 -25.54 -17.08 17.19
N TYR B 290 -24.44 -16.40 17.46
CA TYR B 290 -24.46 -14.94 17.66
C TYR B 290 -23.43 -14.26 16.77
N LEU B 291 -23.86 -13.19 16.10
CA LEU B 291 -22.86 -12.31 15.49
C LEU B 291 -22.38 -11.37 16.57
N LYS B 292 -21.13 -10.94 16.46
CA LYS B 292 -20.52 -10.06 17.45
C LYS B 292 -20.30 -8.69 16.81
N ILE B 293 -20.76 -7.64 17.48
CA ILE B 293 -20.58 -6.28 16.96
C ILE B 293 -19.62 -5.56 17.88
N PRO B 294 -18.37 -5.27 17.44
CA PRO B 294 -17.46 -4.59 18.36
C PRO B 294 -17.79 -3.13 18.60
N LEU B 295 -17.74 -2.68 19.87
CA LEU B 295 -18.08 -1.30 20.19
C LEU B 295 -16.85 -0.43 20.11
N ASP B 296 -16.98 0.69 19.41
CA ASP B 296 -15.93 1.69 19.37
C ASP B 296 -14.55 1.14 19.06
N ALA B 297 -14.47 0.26 18.08
CA ALA B 297 -13.24 -0.48 17.77
C ALA B 297 -12.80 -0.28 16.34
N ILE B 298 -13.68 0.27 15.52
CA ILE B 298 -13.36 0.48 14.10
C ILE B 298 -13.91 1.86 13.75
#